data_2QON
#
_entry.id   2QON
#
_cell.length_a   54.154
_cell.length_b   38.621
_cell.length_c   76.345
_cell.angle_alpha   90.00
_cell.angle_beta   102.66
_cell.angle_gamma   90.00
#
_symmetry.space_group_name_H-M   'P 1 21 1'
#
loop_
_entity.id
_entity.type
_entity.pdbx_description
1 polymer 'Ephrin receptor'
2 non-polymer GLYCEROL
3 water water
#
_entity_poly.entity_id   1
_entity_poly.type   'polypeptide(L)'
_entity_poly.pdbx_seq_one_letter_code
;GSDEKRLHFGNGHLKLPGLRTFVDPHTFEDPTQTVHEFAKELDATNISIDKVVGAGEFGEVCSGRLKLPSKKEISVAIKT
LKVGYTEKQRRDFLGEASIMGQFDHPNIIRLEGVVTKSKPVMIVTE(PTR)MENGSLDSFLRKHDAQFTVIQLVGMLRGI
ASGMKYLSDMGAVHRDLAARNILINSNLVCKVSDFGLSRVLEDDPEAAYTTRGGKIPIRWTSPEAIAYRKFTSASDVWSY
GIVLWEVMSYGERPYWEMSNQDVIKAVDEGYRLPPPMDCPAALYQLMLDCWQKDRNNRPKFEQIVSILDKLIRNPGSLKI
ITSAAARPSNLLLDQSNVDITTFRTTGDWLNGVWTAHCKEIFTGVEYSSCDTIAKIS
;
_entity_poly.pdbx_strand_id   A
#
loop_
_chem_comp.id
_chem_comp.type
_chem_comp.name
_chem_comp.formula
GOL non-polymer GLYCEROL 'C3 H8 O3'
#
# COMPACT_ATOMS: atom_id res chain seq x y z
N THR A 21 -11.11 4.73 -15.25
CA THR A 21 -11.24 3.80 -16.40
C THR A 21 -10.92 2.37 -16.00
N PHE A 22 -11.06 2.10 -14.71
CA PHE A 22 -10.88 0.78 -14.12
C PHE A 22 -12.03 -0.17 -14.50
N VAL A 23 -11.70 -1.26 -15.21
CA VAL A 23 -12.63 -2.36 -15.48
C VAL A 23 -12.78 -3.22 -14.24
N THR A 34 -10.83 -14.41 -17.90
CA THR A 34 -9.38 -14.23 -17.85
C THR A 34 -8.97 -12.90 -18.50
N VAL A 35 -7.89 -12.29 -18.04
CA VAL A 35 -7.39 -11.09 -18.65
C VAL A 35 -5.92 -11.10 -19.10
N HIS A 36 -5.69 -11.55 -20.31
CA HIS A 36 -4.58 -11.06 -21.07
C HIS A 36 -4.96 -9.73 -21.71
N GLU A 37 -6.12 -9.19 -21.37
CA GLU A 37 -6.48 -7.83 -21.76
C GLU A 37 -5.49 -6.83 -21.14
N PHE A 38 -5.03 -7.09 -19.92
CA PHE A 38 -4.21 -6.15 -19.19
C PHE A 38 -2.86 -6.72 -18.77
N ALA A 39 -2.47 -7.88 -19.30
CA ALA A 39 -1.23 -8.52 -18.88
C ALA A 39 -0.51 -9.16 -20.03
N LYS A 40 0.77 -8.82 -20.21
CA LYS A 40 1.62 -9.43 -21.24
CA LYS A 40 1.59 -9.43 -21.25
C LYS A 40 1.93 -10.88 -20.90
N GLU A 41 1.84 -11.76 -21.91
CA GLU A 41 2.31 -13.15 -21.77
C GLU A 41 3.81 -13.10 -22.02
N LEU A 42 4.58 -13.47 -21.02
CA LEU A 42 6.01 -13.52 -21.11
C LEU A 42 6.46 -14.93 -21.54
N ASP A 43 7.58 -14.96 -22.26
CA ASP A 43 8.28 -16.19 -22.63
C ASP A 43 9.16 -16.55 -21.45
N ALA A 44 8.93 -17.76 -20.91
CA ALA A 44 9.67 -18.26 -19.77
C ALA A 44 11.20 -18.34 -19.97
N THR A 45 11.66 -18.37 -21.22
CA THR A 45 13.09 -18.32 -21.55
C THR A 45 13.73 -16.99 -21.18
N ASN A 46 12.91 -15.94 -21.06
CA ASN A 46 13.38 -14.62 -20.67
C ASN A 46 13.40 -14.40 -19.15
N ILE A 47 12.97 -15.42 -18.40
CA ILE A 47 12.87 -15.35 -16.94
C ILE A 47 13.91 -16.26 -16.29
N SER A 48 14.63 -15.75 -15.29
CA SER A 48 15.52 -16.59 -14.52
C SER A 48 15.33 -16.30 -13.04
N ILE A 49 15.30 -17.37 -12.26
CA ILE A 49 15.01 -17.31 -10.83
C ILE A 49 16.35 -17.34 -10.14
N ASP A 50 16.61 -16.36 -9.29
CA ASP A 50 17.92 -16.13 -8.70
C ASP A 50 17.93 -16.47 -7.21
N LYS A 51 16.75 -16.49 -6.59
CA LYS A 51 16.63 -16.44 -5.14
C LYS A 51 15.18 -16.74 -4.75
N VAL A 52 14.97 -17.74 -3.89
CA VAL A 52 13.64 -18.00 -3.31
C VAL A 52 13.53 -17.21 -2.02
N VAL A 53 12.46 -16.44 -1.89
CA VAL A 53 12.22 -15.60 -0.74
C VAL A 53 11.50 -16.47 0.30
N GLY A 54 10.32 -16.93 -0.06
CA GLY A 54 9.62 -17.92 0.75
C GLY A 54 8.31 -18.36 0.14
N ALA A 55 7.32 -18.52 0.99
CA ALA A 55 6.00 -18.94 0.55
C ALA A 55 5.06 -17.74 0.51
N GLY A 56 4.01 -17.88 -0.32
CA GLY A 56 2.95 -16.88 -0.47
C GLY A 56 1.66 -17.62 -0.29
N GLU A 57 0.54 -16.90 -0.40
CA GLU A 57 -0.82 -17.48 -0.34
C GLU A 57 -1.04 -18.56 -1.41
N PHE A 58 -0.48 -18.35 -2.61
CA PHE A 58 -0.79 -19.22 -3.76
C PHE A 58 0.34 -20.13 -4.19
N GLY A 59 1.54 -19.93 -3.65
CA GLY A 59 2.69 -20.71 -4.02
C GLY A 59 3.97 -20.06 -3.53
N GLU A 60 5.06 -20.25 -4.26
CA GLU A 60 6.34 -19.68 -3.87
C GLU A 60 6.53 -18.23 -4.35
N VAL A 61 7.37 -17.53 -3.60
CA VAL A 61 7.68 -16.17 -3.93
C VAL A 61 9.20 -16.15 -4.10
N CYS A 62 9.65 -15.56 -5.20
CA CYS A 62 10.99 -15.68 -5.71
CA CYS A 62 11.08 -15.57 -5.51
C CYS A 62 11.45 -14.28 -6.21
N SER A 63 12.73 -14.13 -6.50
CA SER A 63 13.20 -12.94 -7.21
C SER A 63 14.16 -13.42 -8.28
N GLY A 64 14.43 -12.56 -9.25
CA GLY A 64 15.15 -12.99 -10.41
C GLY A 64 15.34 -11.84 -11.38
N ARG A 65 15.50 -12.21 -12.65
CA ARG A 65 15.79 -11.28 -13.73
CA ARG A 65 15.76 -11.25 -13.72
C ARG A 65 14.84 -11.59 -14.87
N LEU A 66 14.44 -10.56 -15.61
CA LEU A 66 13.66 -10.62 -16.83
C LEU A 66 14.43 -9.92 -17.98
N LYS A 67 14.61 -10.64 -19.09
CA LYS A 67 15.19 -10.08 -20.30
C LYS A 67 14.04 -9.51 -21.13
N LEU A 68 14.06 -8.20 -21.31
CA LEU A 68 13.00 -7.51 -22.06
C LEU A 68 13.24 -7.73 -23.53
N PRO A 69 12.21 -7.47 -24.37
CA PRO A 69 12.36 -7.66 -25.83
C PRO A 69 13.53 -6.87 -26.44
N SER A 70 13.84 -5.71 -25.87
CA SER A 70 14.99 -4.90 -26.25
C SER A 70 16.36 -5.48 -25.81
N LYS A 71 16.32 -6.62 -25.11
CA LYS A 71 17.50 -7.31 -24.53
C LYS A 71 18.00 -6.69 -23.23
N LYS A 72 17.38 -5.59 -22.77
CA LYS A 72 17.69 -5.08 -21.47
C LYS A 72 17.26 -6.12 -20.42
N GLU A 73 18.08 -6.27 -19.38
CA GLU A 73 17.79 -7.22 -18.29
C GLU A 73 17.44 -6.36 -17.05
N ILE A 74 16.36 -6.69 -16.37
CA ILE A 74 15.97 -6.02 -15.16
C ILE A 74 15.73 -7.02 -14.07
N SER A 75 15.81 -6.56 -12.82
CA SER A 75 15.40 -7.36 -11.71
C SER A 75 13.88 -7.38 -11.61
N VAL A 76 13.37 -8.51 -11.16
CA VAL A 76 11.90 -8.70 -10.97
C VAL A 76 11.56 -9.53 -9.75
N ALA A 77 10.35 -9.34 -9.23
CA ALA A 77 9.73 -10.24 -8.25
C ALA A 77 8.90 -11.25 -9.03
N ILE A 78 8.94 -12.52 -8.61
CA ILE A 78 8.26 -13.60 -9.35
C ILE A 78 7.41 -14.38 -8.33
N LYS A 79 6.14 -14.59 -8.64
CA LYS A 79 5.27 -15.43 -7.81
C LYS A 79 4.78 -16.58 -8.66
N THR A 80 4.70 -17.78 -8.08
CA THR A 80 4.20 -18.92 -8.80
C THR A 80 2.96 -19.46 -8.09
N LEU A 81 2.16 -20.16 -8.87
CA LEU A 81 1.02 -20.91 -8.41
C LEU A 81 1.46 -22.34 -8.10
N LYS A 82 1.20 -22.77 -6.87
CA LYS A 82 1.46 -24.12 -6.37
C LYS A 82 1.02 -25.23 -7.33
N VAL A 83 1.76 -26.31 -7.35
CA VAL A 83 1.36 -27.47 -8.12
C VAL A 83 0.05 -28.03 -7.53
N GLY A 84 -0.86 -28.47 -8.38
CA GLY A 84 -2.12 -29.04 -7.89
C GLY A 84 -3.13 -28.00 -7.46
N TYR A 85 -2.95 -26.79 -7.97
CA TYR A 85 -3.85 -25.68 -7.67
C TYR A 85 -5.28 -26.05 -8.07
N THR A 86 -6.25 -25.46 -7.35
CA THR A 86 -7.67 -25.54 -7.73
C THR A 86 -7.96 -24.40 -8.68
N GLU A 87 -9.06 -24.48 -9.43
CA GLU A 87 -9.37 -23.41 -10.38
C GLU A 87 -9.64 -22.10 -9.65
N LYS A 88 -10.19 -22.19 -8.44
CA LYS A 88 -10.41 -21.00 -7.63
C LYS A 88 -9.08 -20.29 -7.37
N GLN A 89 -8.07 -21.07 -6.96
CA GLN A 89 -6.73 -20.55 -6.71
C GLN A 89 -6.16 -19.90 -7.97
N ARG A 90 -6.32 -20.54 -9.13
CA ARG A 90 -5.80 -19.96 -10.36
C ARG A 90 -6.49 -18.65 -10.67
N ARG A 91 -7.81 -18.66 -10.57
CA ARG A 91 -8.59 -17.46 -10.86
C ARG A 91 -8.23 -16.30 -9.96
N ASP A 92 -8.05 -16.56 -8.67
CA ASP A 92 -7.76 -15.49 -7.69
C ASP A 92 -6.32 -15.00 -7.81
N PHE A 93 -5.45 -15.92 -8.19
CA PHE A 93 -4.05 -15.60 -8.37
C PHE A 93 -3.87 -14.64 -9.54
N LEU A 94 -4.37 -15.03 -10.70
CA LEU A 94 -4.25 -14.24 -11.93
C LEU A 94 -5.13 -13.00 -11.92
N GLY A 95 -6.20 -13.04 -11.12
CA GLY A 95 -7.14 -11.93 -11.01
C GLY A 95 -6.45 -10.71 -10.45
N GLU A 96 -5.66 -10.90 -9.41
CA GLU A 96 -4.87 -9.80 -8.85
C GLU A 96 -3.93 -9.17 -9.91
N ALA A 97 -3.32 -9.96 -10.78
CA ALA A 97 -2.57 -9.40 -11.94
C ALA A 97 -3.44 -8.60 -12.95
N SER A 98 -4.64 -9.10 -13.27
CA SER A 98 -5.58 -8.39 -14.16
CA SER A 98 -5.58 -8.39 -14.15
C SER A 98 -5.93 -7.00 -13.65
N ILE A 99 -5.98 -6.84 -12.33
CA ILE A 99 -6.26 -5.55 -11.72
C ILE A 99 -5.01 -4.64 -11.83
N MET A 100 -3.87 -5.16 -11.36
CA MET A 100 -2.61 -4.37 -11.31
C MET A 100 -2.22 -3.89 -12.70
N GLY A 101 -2.47 -4.74 -13.70
CA GLY A 101 -2.14 -4.47 -15.08
C GLY A 101 -2.88 -3.31 -15.69
N GLN A 102 -3.99 -2.91 -15.06
CA GLN A 102 -4.76 -1.73 -15.48
C GLN A 102 -4.07 -0.41 -15.14
N PHE A 103 -3.06 -0.43 -14.26
CA PHE A 103 -2.44 0.78 -13.77
C PHE A 103 -1.00 0.89 -14.25
N ASP A 104 -0.67 2.04 -14.82
CA ASP A 104 0.70 2.36 -15.21
C ASP A 104 1.06 3.68 -14.59
N HIS A 105 1.73 3.63 -13.45
CA HIS A 105 1.98 4.81 -12.64
C HIS A 105 3.24 4.53 -11.81
N PRO A 106 4.08 5.54 -11.64
CA PRO A 106 5.36 5.36 -10.92
C PRO A 106 5.23 4.94 -9.46
N ASN A 107 4.05 5.16 -8.87
CA ASN A 107 3.82 4.77 -7.48
C ASN A 107 2.81 3.62 -7.31
N ILE A 108 2.55 2.91 -8.39
CA ILE A 108 1.81 1.65 -8.33
C ILE A 108 2.76 0.57 -8.89
N ILE A 109 2.87 -0.56 -8.20
CA ILE A 109 3.75 -1.65 -8.61
C ILE A 109 3.45 -2.07 -10.05
N ARG A 110 4.50 -2.12 -10.86
CA ARG A 110 4.42 -2.47 -12.27
C ARG A 110 4.32 -3.97 -12.47
N LEU A 111 3.30 -4.38 -13.20
CA LEU A 111 3.18 -5.70 -13.72
C LEU A 111 4.02 -5.83 -14.98
N GLU A 112 5.03 -6.69 -14.93
CA GLU A 112 5.82 -6.96 -16.10
C GLU A 112 5.10 -7.96 -17.03
N GLY A 113 4.42 -8.94 -16.45
CA GLY A 113 3.66 -9.89 -17.27
C GLY A 113 3.34 -11.13 -16.48
N VAL A 114 2.69 -12.09 -17.17
CA VAL A 114 2.40 -13.36 -16.63
C VAL A 114 2.92 -14.49 -17.55
N VAL A 115 3.11 -15.67 -16.96
CA VAL A 115 3.33 -16.92 -17.71
C VAL A 115 2.12 -17.83 -17.43
N THR A 116 1.28 -18.04 -18.44
CA THR A 116 0.09 -18.92 -18.35
C THR A 116 0.14 -20.13 -19.32
N LYS A 117 1.00 -20.09 -20.34
CA LYS A 117 0.99 -21.13 -21.36
C LYS A 117 1.94 -22.26 -20.98
N SER A 118 2.61 -22.13 -19.86
CA SER A 118 3.43 -23.19 -19.32
C SER A 118 3.18 -23.13 -17.83
N LYS A 119 3.58 -24.17 -17.12
CA LYS A 119 3.27 -24.31 -15.71
C LYS A 119 4.59 -24.65 -15.05
N PRO A 120 4.87 -24.10 -13.83
CA PRO A 120 4.02 -23.26 -12.98
C PRO A 120 3.64 -21.90 -13.61
N VAL A 121 2.37 -21.53 -13.43
CA VAL A 121 1.90 -20.19 -13.77
C VAL A 121 2.64 -19.17 -12.91
N MET A 122 2.97 -18.02 -13.52
CA MET A 122 3.82 -17.00 -12.87
C MET A 122 3.24 -15.60 -13.09
N ILE A 123 3.43 -14.77 -12.05
CA ILE A 123 3.15 -13.34 -12.09
C ILE A 123 4.50 -12.65 -11.82
N VAL A 124 4.91 -11.79 -12.74
CA VAL A 124 6.22 -11.12 -12.69
C VAL A 124 5.97 -9.62 -12.50
N THR A 125 6.51 -9.06 -11.43
CA THR A 125 6.31 -7.65 -11.06
C THR A 125 7.63 -6.93 -10.79
N GLU A 126 7.56 -5.62 -10.63
CA GLU A 126 8.70 -4.77 -10.31
C GLU A 126 9.40 -5.26 -9.05
N PTR A 127 10.74 -5.32 -9.10
CA PTR A 127 11.56 -5.66 -7.96
C PTR A 127 11.60 -4.47 -7.01
O PTR A 127 11.80 -3.36 -7.44
CB PTR A 127 12.97 -6.08 -8.41
CG PTR A 127 13.90 -6.43 -7.26
CD1 PTR A 127 13.71 -7.57 -6.53
CD2 PTR A 127 14.93 -5.57 -6.91
CE1 PTR A 127 14.51 -7.87 -5.44
CE2 PTR A 127 15.74 -5.85 -5.80
CZ PTR A 127 15.55 -7.03 -5.09
OH PTR A 127 16.27 -7.26 -4.08
P PTR A 127 17.54 -8.25 -3.95
O1P PTR A 127 18.46 -7.73 -4.96
O2P PTR A 127 17.08 -9.70 -4.19
O3P PTR A 127 18.13 -8.09 -2.55
N MET A 128 11.42 -4.73 -5.71
CA MET A 128 11.48 -3.68 -4.69
C MET A 128 12.41 -4.17 -3.56
N GLU A 129 13.62 -3.64 -3.55
CA GLU A 129 14.66 -4.24 -2.74
C GLU A 129 14.39 -4.23 -1.23
N ASN A 130 13.70 -3.19 -0.76
CA ASN A 130 13.49 -2.97 0.67
C ASN A 130 12.18 -3.50 1.20
N GLY A 131 11.40 -4.14 0.33
CA GLY A 131 10.29 -4.98 0.78
C GLY A 131 9.11 -4.17 1.29
N SER A 132 8.36 -4.75 2.22
N SER A 132 8.35 -4.76 2.21
CA SER A 132 7.18 -4.07 2.80
CA SER A 132 7.18 -4.05 2.80
C SER A 132 7.56 -2.88 3.69
C SER A 132 7.59 -2.85 3.64
N LEU A 133 6.82 -1.78 3.54
CA LEU A 133 7.18 -0.53 4.18
C LEU A 133 7.13 -0.63 5.69
N ASP A 134 6.18 -1.39 6.21
CA ASP A 134 6.03 -1.48 7.66
C ASP A 134 7.23 -2.20 8.32
N SER A 135 7.56 -3.38 7.78
CA SER A 135 8.76 -4.12 8.19
C SER A 135 10.03 -3.29 8.02
N PHE A 136 10.20 -2.62 6.88
CA PHE A 136 11.41 -1.83 6.65
C PHE A 136 11.53 -0.73 7.70
N LEU A 137 10.43 -0.01 7.97
CA LEU A 137 10.52 1.09 8.93
C LEU A 137 10.80 0.57 10.34
N ARG A 138 10.24 -0.58 10.69
CA ARG A 138 10.49 -1.17 12.03
C ARG A 138 11.98 -1.49 12.27
N LYS A 139 12.73 -1.72 11.18
CA LYS A 139 14.18 -1.95 11.26
C LYS A 139 15.00 -0.68 11.41
N HIS A 140 14.37 0.48 11.22
CA HIS A 140 15.09 1.74 11.12
C HIS A 140 14.42 2.85 11.95
N ASP A 141 13.94 2.44 13.12
CA ASP A 141 13.19 3.33 13.97
C ASP A 141 13.93 4.64 14.25
N ALA A 142 13.27 5.75 13.95
CA ALA A 142 13.82 7.10 14.12
C ALA A 142 15.12 7.41 13.31
N GLN A 143 15.41 6.64 12.26
CA GLN A 143 16.66 6.78 11.51
C GLN A 143 16.53 7.60 10.21
N PHE A 144 15.32 7.96 9.82
CA PHE A 144 15.14 8.83 8.64
C PHE A 144 14.73 10.22 9.01
N THR A 145 14.92 11.15 8.08
CA THR A 145 14.53 12.53 8.30
C THR A 145 13.05 12.67 8.03
N VAL A 146 12.44 13.69 8.64
CA VAL A 146 11.06 14.02 8.38
C VAL A 146 10.81 14.23 6.87
N ILE A 147 11.72 14.88 6.15
CA ILE A 147 11.52 15.05 4.72
C ILE A 147 11.61 13.72 3.95
N GLN A 148 12.45 12.79 4.41
CA GLN A 148 12.45 11.45 3.78
C GLN A 148 11.09 10.71 3.98
N LEU A 149 10.55 10.77 5.19
CA LEU A 149 9.22 10.21 5.48
C LEU A 149 8.14 10.89 4.66
N VAL A 150 8.15 12.21 4.60
CA VAL A 150 7.16 12.94 3.79
C VAL A 150 7.24 12.53 2.30
N GLY A 151 8.45 12.37 1.74
CA GLY A 151 8.58 11.81 0.41
C GLY A 151 7.94 10.45 0.16
N MET A 152 8.08 9.54 1.13
CA MET A 152 7.48 8.20 1.06
C MET A 152 5.96 8.36 1.01
N LEU A 153 5.45 9.22 1.88
CA LEU A 153 4.01 9.44 2.03
C LEU A 153 3.40 10.11 0.79
N ARG A 154 4.14 11.02 0.20
CA ARG A 154 3.71 11.70 -1.05
C ARG A 154 3.61 10.74 -2.21
N GLY A 155 4.58 9.84 -2.32
CA GLY A 155 4.50 8.79 -3.34
C GLY A 155 3.28 7.91 -3.19
N ILE A 156 3.01 7.47 -1.98
CA ILE A 156 1.83 6.69 -1.68
C ILE A 156 0.55 7.45 -2.10
N ALA A 157 0.44 8.71 -1.68
CA ALA A 157 -0.74 9.53 -2.04
C ALA A 157 -0.87 9.68 -3.54
N SER A 158 0.26 9.82 -4.24
CA SER A 158 0.25 10.01 -5.71
CA SER A 158 0.20 10.03 -5.69
C SER A 158 -0.31 8.77 -6.41
N GLY A 159 0.18 7.60 -6.02
CA GLY A 159 -0.39 6.36 -6.52
C GLY A 159 -1.87 6.20 -6.23
N MET A 160 -2.28 6.49 -4.99
CA MET A 160 -3.69 6.42 -4.61
C MET A 160 -4.57 7.44 -5.39
N LYS A 161 -4.05 8.62 -5.63
CA LYS A 161 -4.76 9.59 -6.45
C LYS A 161 -5.08 8.98 -7.84
N TYR A 162 -4.10 8.35 -8.47
CA TYR A 162 -4.34 7.70 -9.78
C TYR A 162 -5.37 6.54 -9.67
N LEU A 163 -5.24 5.70 -8.65
CA LEU A 163 -6.22 4.68 -8.38
C LEU A 163 -7.65 5.23 -8.34
N SER A 164 -7.80 6.29 -7.58
CA SER A 164 -9.11 6.88 -7.42
C SER A 164 -9.57 7.56 -8.73
N ASP A 165 -8.65 8.19 -9.48
CA ASP A 165 -8.97 8.73 -10.81
C ASP A 165 -9.54 7.68 -11.74
N MET A 166 -9.09 6.44 -11.57
CA MET A 166 -9.47 5.33 -12.45
C MET A 166 -10.74 4.63 -11.92
N GLY A 167 -11.27 5.09 -10.80
CA GLY A 167 -12.46 4.51 -10.20
C GLY A 167 -12.24 3.19 -9.47
N ALA A 168 -11.02 2.95 -8.99
CA ALA A 168 -10.74 1.74 -8.23
C ALA A 168 -10.82 2.08 -6.73
N VAL A 169 -11.22 1.10 -5.91
CA VAL A 169 -11.12 1.22 -4.45
C VAL A 169 -10.21 0.09 -4.03
N HIS A 170 -9.16 0.45 -3.30
CA HIS A 170 -8.17 -0.52 -2.91
C HIS A 170 -8.70 -1.50 -1.82
N ARG A 171 -9.32 -0.94 -0.78
CA ARG A 171 -9.91 -1.68 0.35
CA ARG A 171 -9.91 -1.71 0.33
C ARG A 171 -8.93 -2.32 1.32
N ASP A 172 -7.64 -2.36 1.00
CA ASP A 172 -6.64 -2.96 1.93
C ASP A 172 -5.36 -2.09 1.98
N LEU A 173 -5.51 -0.77 1.92
CA LEU A 173 -4.35 0.13 1.97
C LEU A 173 -3.84 0.09 3.42
N ALA A 174 -2.62 -0.38 3.57
CA ALA A 174 -1.91 -0.51 4.84
C ALA A 174 -0.44 -0.45 4.49
N ALA A 175 0.38 -0.07 5.45
CA ALA A 175 1.82 -0.03 5.23
C ALA A 175 2.38 -1.40 4.79
N ARG A 176 1.78 -2.52 5.21
CA ARG A 176 2.29 -3.83 4.86
C ARG A 176 2.10 -4.10 3.37
N ASN A 177 1.16 -3.37 2.74
CA ASN A 177 0.87 -3.49 1.30
C ASN A 177 1.47 -2.38 0.43
N ILE A 178 2.44 -1.65 0.98
CA ILE A 178 3.19 -0.66 0.26
C ILE A 178 4.59 -1.25 0.22
N LEU A 179 5.20 -1.19 -0.96
CA LEU A 179 6.57 -1.73 -1.11
C LEU A 179 7.50 -0.57 -1.32
N ILE A 180 8.76 -0.77 -0.93
CA ILE A 180 9.74 0.32 -0.99
C ILE A 180 11.03 -0.18 -1.67
N ASN A 181 11.55 0.61 -2.61
CA ASN A 181 12.66 0.17 -3.45
C ASN A 181 13.98 0.69 -2.89
N SER A 182 15.05 0.46 -3.65
CA SER A 182 16.37 0.80 -3.17
C SER A 182 16.55 2.27 -2.92
N ASN A 183 15.80 3.12 -3.64
CA ASN A 183 15.88 4.56 -3.51
C ASN A 183 14.78 5.17 -2.62
N LEU A 184 14.12 4.31 -1.84
CA LEU A 184 13.06 4.69 -0.91
C LEU A 184 11.79 5.18 -1.55
N VAL A 185 11.59 4.84 -2.81
CA VAL A 185 10.33 5.16 -3.53
C VAL A 185 9.31 4.11 -3.12
N CYS A 186 8.13 4.56 -2.67
CA CYS A 186 7.07 3.69 -2.18
C CYS A 186 5.97 3.55 -3.25
N LYS A 187 5.45 2.33 -3.32
CA LYS A 187 4.52 1.95 -4.38
C LYS A 187 3.43 1.05 -3.79
N VAL A 188 2.21 1.29 -4.26
CA VAL A 188 1.04 0.58 -3.84
C VAL A 188 1.04 -0.80 -4.46
N SER A 189 0.80 -1.80 -3.62
CA SER A 189 0.81 -3.21 -4.02
CA SER A 189 0.76 -3.18 -4.09
C SER A 189 -0.45 -3.92 -3.52
N ASP A 190 -0.55 -5.21 -3.82
CA ASP A 190 -1.56 -6.10 -3.19
C ASP A 190 -3.01 -5.68 -3.43
N PHE A 191 -3.43 -5.93 -4.66
CA PHE A 191 -4.78 -5.65 -5.10
C PHE A 191 -5.73 -6.85 -4.97
N GLY A 192 -5.42 -7.79 -4.08
CA GLY A 192 -6.24 -8.99 -3.86
C GLY A 192 -7.67 -8.67 -3.46
N LEU A 193 -7.81 -7.63 -2.63
CA LEU A 193 -9.11 -7.20 -2.10
C LEU A 193 -9.71 -6.05 -2.93
N SER A 194 -8.98 -5.58 -3.93
CA SER A 194 -9.37 -4.36 -4.67
C SER A 194 -10.47 -4.63 -5.68
N ARG A 195 -11.23 -3.56 -5.95
CA ARG A 195 -12.23 -3.49 -7.00
C ARG A 195 -12.02 -2.18 -7.76
N ILE A 212 -11.78 -8.42 6.11
CA ILE A 212 -11.67 -6.97 6.38
C ILE A 212 -10.55 -6.58 7.37
N PRO A 213 -9.46 -5.95 6.88
CA PRO A 213 -8.47 -5.47 7.87
C PRO A 213 -9.07 -4.36 8.74
N ILE A 214 -9.69 -4.74 9.87
CA ILE A 214 -10.48 -3.82 10.70
C ILE A 214 -9.72 -2.54 11.12
N ARG A 215 -8.45 -2.68 11.50
CA ARG A 215 -7.65 -1.52 11.93
C ARG A 215 -7.42 -0.46 10.85
N TRP A 216 -7.53 -0.84 9.58
CA TRP A 216 -7.30 0.10 8.47
C TRP A 216 -8.55 0.59 7.81
N THR A 217 -9.70 0.05 8.25
CA THR A 217 -10.98 0.23 7.59
C THR A 217 -11.83 1.35 8.19
N SER A 218 -12.44 2.17 7.34
CA SER A 218 -13.19 3.31 7.80
C SER A 218 -14.43 2.79 8.57
N PRO A 219 -14.95 3.61 9.52
CA PRO A 219 -16.09 3.16 10.31
C PRO A 219 -17.30 2.76 9.45
N GLU A 220 -17.59 3.50 8.38
CA GLU A 220 -18.72 3.14 7.48
C GLU A 220 -18.51 1.84 6.68
N ALA A 221 -17.26 1.53 6.34
CA ALA A 221 -16.91 0.29 5.66
C ALA A 221 -17.06 -0.87 6.62
N ILE A 222 -16.67 -0.70 7.88
CA ILE A 222 -16.92 -1.76 8.89
C ILE A 222 -18.43 -1.96 9.14
N ALA A 223 -19.15 -0.83 9.28
CA ALA A 223 -20.59 -0.81 9.66
C ALA A 223 -21.53 -1.44 8.62
N TYR A 224 -21.37 -1.07 7.35
CA TYR A 224 -22.22 -1.64 6.32
C TYR A 224 -21.53 -1.76 4.98
N ARG A 225 -20.22 -1.99 5.01
CA ARG A 225 -19.47 -2.30 3.78
C ARG A 225 -19.56 -1.15 2.75
N LYS A 226 -19.54 0.10 3.23
CA LYS A 226 -19.54 1.25 2.34
C LYS A 226 -18.08 1.59 1.96
N PHE A 227 -17.60 0.97 0.89
CA PHE A 227 -16.19 1.11 0.44
C PHE A 227 -16.16 2.08 -0.73
N THR A 228 -15.48 3.21 -0.58
CA THR A 228 -15.42 4.30 -1.56
C THR A 228 -13.96 4.85 -1.51
N SER A 229 -13.64 5.82 -2.37
CA SER A 229 -12.31 6.45 -2.27
CA SER A 229 -12.31 6.48 -2.29
C SER A 229 -12.09 7.12 -0.91
N ALA A 230 -13.15 7.68 -0.32
CA ALA A 230 -13.06 8.29 1.01
C ALA A 230 -12.76 7.28 2.11
N SER A 231 -13.09 6.01 1.88
CA SER A 231 -12.74 4.96 2.85
C SER A 231 -11.27 4.61 2.65
N ASP A 232 -10.80 4.72 1.41
CA ASP A 232 -9.37 4.56 1.14
C ASP A 232 -8.59 5.73 1.77
N VAL A 233 -9.16 6.95 1.77
CA VAL A 233 -8.51 8.13 2.45
C VAL A 233 -8.38 7.87 3.98
N TRP A 234 -9.41 7.30 4.59
CA TRP A 234 -9.29 6.87 5.97
C TRP A 234 -8.06 5.99 6.14
N SER A 235 -7.94 4.99 5.26
CA SER A 235 -6.88 3.98 5.39
C SER A 235 -5.53 4.70 5.21
N TYR A 236 -5.47 5.63 4.27
CA TYR A 236 -4.25 6.42 4.08
C TYR A 236 -3.86 7.15 5.38
N GLY A 237 -4.84 7.67 6.07
CA GLY A 237 -4.62 8.32 7.38
C GLY A 237 -3.93 7.37 8.36
N ILE A 238 -4.36 6.11 8.38
CA ILE A 238 -3.70 5.07 9.20
C ILE A 238 -2.29 4.81 8.69
N VAL A 239 -2.12 4.70 7.38
CA VAL A 239 -0.77 4.54 6.77
C VAL A 239 0.16 5.71 7.17
N LEU A 240 -0.37 6.92 7.18
CA LEU A 240 0.39 8.12 7.66
C LEU A 240 0.88 7.95 9.10
N TRP A 241 -0.03 7.49 9.96
CA TRP A 241 0.32 7.20 11.34
C TRP A 241 1.36 6.08 11.43
N GLU A 242 1.22 5.05 10.60
CA GLU A 242 2.14 3.93 10.56
C GLU A 242 3.56 4.39 10.18
N VAL A 243 3.63 5.25 9.16
CA VAL A 243 4.90 5.77 8.68
C VAL A 243 5.56 6.65 9.75
N MET A 244 4.81 7.62 10.27
CA MET A 244 5.37 8.50 11.29
C MET A 244 5.71 7.77 12.63
N SER A 245 5.15 6.59 12.81
N SER A 245 5.17 6.58 12.83
CA SER A 245 5.36 5.75 13.98
CA SER A 245 5.44 5.80 14.02
C SER A 245 6.45 4.69 13.75
C SER A 245 6.46 4.68 13.76
N TYR A 246 7.05 4.68 12.57
CA TYR A 246 8.08 3.69 12.18
C TYR A 246 7.56 2.28 12.26
N GLY A 247 6.34 2.10 11.77
CA GLY A 247 5.76 0.77 11.67
C GLY A 247 5.09 0.18 12.91
N GLU A 248 4.81 0.95 13.95
CA GLU A 248 3.96 0.41 15.04
CA GLU A 248 3.92 0.48 15.03
C GLU A 248 2.59 0.00 14.46
N ARG A 249 2.00 -0.98 15.12
CA ARG A 249 0.72 -1.50 14.71
C ARG A 249 -0.38 -0.52 15.14
N PRO A 250 -1.22 -0.07 14.18
CA PRO A 250 -2.42 0.72 14.49
C PRO A 250 -3.29 0.06 15.56
N TYR A 251 -3.61 0.79 16.62
CA TYR A 251 -4.44 0.30 17.75
C TYR A 251 -3.78 -0.86 18.48
N TRP A 252 -2.47 -1.06 18.25
CA TRP A 252 -1.66 -2.10 18.93
C TRP A 252 -2.47 -3.39 18.88
N GLU A 253 -2.68 -4.10 20.01
N GLU A 253 -2.68 -4.08 20.02
CA GLU A 253 -3.43 -5.35 19.98
CA GLU A 253 -3.41 -5.36 20.03
C GLU A 253 -4.75 -5.25 20.74
C GLU A 253 -4.75 -5.25 20.72
N MET A 254 -5.34 -4.07 20.70
CA MET A 254 -6.69 -3.87 21.23
C MET A 254 -7.66 -4.90 20.65
N SER A 255 -8.64 -5.36 21.43
CA SER A 255 -9.68 -6.23 20.87
C SER A 255 -10.30 -5.56 19.69
N ASN A 256 -10.65 -6.33 18.67
CA ASN A 256 -11.22 -5.76 17.46
C ASN A 256 -12.51 -5.00 17.76
N GLN A 257 -13.29 -5.50 18.73
CA GLN A 257 -14.58 -4.88 19.08
C GLN A 257 -14.33 -3.54 19.74
N ASP A 258 -13.20 -3.43 20.40
CA ASP A 258 -12.81 -2.19 21.02
C ASP A 258 -12.27 -1.18 20.01
N VAL A 259 -11.64 -1.69 18.96
CA VAL A 259 -11.18 -0.77 17.88
C VAL A 259 -12.41 -0.19 17.21
N ILE A 260 -13.40 -1.02 16.96
CA ILE A 260 -14.62 -0.54 16.30
C ILE A 260 -15.34 0.50 17.17
N LYS A 261 -15.48 0.20 18.46
CA LYS A 261 -16.27 1.04 19.36
C LYS A 261 -15.55 2.33 19.68
N ALA A 262 -14.25 2.26 19.96
CA ALA A 262 -13.46 3.43 20.34
C ALA A 262 -13.47 4.46 19.21
N VAL A 263 -13.26 3.99 17.99
CA VAL A 263 -13.24 4.89 16.82
C VAL A 263 -14.65 5.46 16.60
N ASP A 264 -15.69 4.65 16.84
CA ASP A 264 -17.10 5.15 16.75
C ASP A 264 -17.38 6.25 17.78
N GLU A 265 -16.87 6.10 19.00
CA GLU A 265 -17.00 7.12 20.05
C GLU A 265 -16.21 8.40 19.86
N GLY A 266 -15.34 8.41 18.86
CA GLY A 266 -14.57 9.58 18.51
C GLY A 266 -13.10 9.54 18.88
N TYR A 267 -12.67 8.43 19.47
CA TYR A 267 -11.27 8.25 19.84
C TYR A 267 -10.42 8.04 18.60
N ARG A 268 -9.17 8.53 18.63
CA ARG A 268 -8.26 8.34 17.53
C ARG A 268 -6.87 8.02 18.02
N LEU A 269 -6.09 7.45 17.10
CA LEU A 269 -4.67 7.19 17.36
C LEU A 269 -3.97 8.51 17.77
N PRO A 270 -3.08 8.45 18.78
CA PRO A 270 -2.44 9.61 19.30
C PRO A 270 -1.31 10.05 18.37
N PRO A 271 -0.81 11.29 18.52
CA PRO A 271 0.29 11.70 17.65
C PRO A 271 1.52 10.83 17.91
N PRO A 272 2.18 10.35 16.85
CA PRO A 272 3.48 9.69 17.06
C PRO A 272 4.53 10.62 17.67
N MET A 273 5.53 10.03 18.32
CA MET A 273 6.62 10.79 18.92
C MET A 273 7.26 11.71 17.88
N ASP A 274 7.42 12.98 18.22
CA ASP A 274 8.05 13.98 17.36
C ASP A 274 7.26 14.27 16.06
N CYS A 275 5.98 13.94 16.04
CA CYS A 275 5.16 14.12 14.83
C CYS A 275 4.87 15.58 14.57
N PRO A 276 5.26 16.08 13.37
CA PRO A 276 4.83 17.41 12.97
C PRO A 276 3.33 17.61 13.10
N ALA A 277 2.97 18.81 13.58
CA ALA A 277 1.59 19.20 13.80
C ALA A 277 0.79 19.10 12.52
N ALA A 278 1.40 19.51 11.43
CA ALA A 278 0.76 19.47 10.11
C ALA A 278 0.35 18.04 9.69
N LEU A 279 1.18 17.07 10.06
CA LEU A 279 0.93 15.68 9.70
C LEU A 279 -0.07 15.07 10.62
N TYR A 280 -0.06 15.41 11.92
CA TYR A 280 -1.10 14.89 12.80
C TYR A 280 -2.47 15.47 12.38
N GLN A 281 -2.51 16.77 12.04
CA GLN A 281 -3.74 17.35 11.54
C GLN A 281 -4.24 16.62 10.30
N LEU A 282 -3.32 16.28 9.40
CA LEU A 282 -3.68 15.56 8.18
C LEU A 282 -4.31 14.19 8.50
N MET A 283 -3.71 13.45 9.45
CA MET A 283 -4.33 12.22 9.97
C MET A 283 -5.76 12.44 10.46
N LEU A 284 -5.93 13.46 11.30
CA LEU A 284 -7.26 13.75 11.88
C LEU A 284 -8.27 14.04 10.77
N ASP A 285 -7.83 14.72 9.72
CA ASP A 285 -8.69 15.10 8.60
C ASP A 285 -9.07 13.84 7.81
N CYS A 286 -8.10 12.93 7.62
CA CYS A 286 -8.39 11.63 7.01
C CYS A 286 -9.36 10.78 7.80
N TRP A 287 -9.39 10.98 9.12
CA TRP A 287 -10.21 10.24 10.03
C TRP A 287 -11.48 11.00 10.44
N GLN A 288 -11.94 11.92 9.61
CA GLN A 288 -13.23 12.55 9.90
C GLN A 288 -14.36 11.50 9.87
N LYS A 289 -15.27 11.58 10.85
CA LYS A 289 -16.40 10.68 10.96
C LYS A 289 -17.21 10.67 9.67
N ASP A 290 -17.54 11.86 9.20
CA ASP A 290 -18.30 12.03 7.96
C ASP A 290 -17.37 11.94 6.79
N ARG A 291 -17.57 10.86 6.02
CA ARG A 291 -16.72 10.58 4.86
C ARG A 291 -16.67 11.74 3.89
N ASN A 292 -17.77 12.49 3.78
CA ASN A 292 -17.79 13.64 2.90
C ASN A 292 -16.85 14.76 3.34
N ASN A 293 -16.43 14.80 4.59
CA ASN A 293 -15.51 15.89 5.03
C ASN A 293 -14.02 15.56 4.92
N ARG A 294 -13.71 14.35 4.51
CA ARG A 294 -12.31 13.94 4.36
C ARG A 294 -11.71 14.57 3.12
N PRO A 295 -10.37 14.77 3.10
CA PRO A 295 -9.75 15.31 1.92
C PRO A 295 -9.79 14.30 0.78
N LYS A 296 -9.70 14.76 -0.46
CA LYS A 296 -9.53 13.89 -1.59
C LYS A 296 -8.03 13.63 -1.74
N PHE A 297 -7.69 12.53 -2.41
CA PHE A 297 -6.25 12.24 -2.65
C PHE A 297 -5.51 13.38 -3.35
N GLU A 298 -6.17 14.03 -4.30
CA GLU A 298 -5.51 15.17 -4.94
C GLU A 298 -5.11 16.29 -3.95
N GLN A 299 -5.97 16.55 -2.96
CA GLN A 299 -5.72 17.58 -1.94
C GLN A 299 -4.60 17.13 -1.00
N ILE A 300 -4.57 15.83 -0.67
CA ILE A 300 -3.49 15.24 0.14
C ILE A 300 -2.14 15.39 -0.54
N VAL A 301 -2.06 15.08 -1.84
CA VAL A 301 -0.81 15.28 -2.59
C VAL A 301 -0.35 16.76 -2.50
N SER A 302 -1.30 17.67 -2.68
N SER A 302 -1.31 17.66 -2.68
CA SER A 302 -0.98 19.10 -2.67
CA SER A 302 -1.05 19.10 -2.64
C SER A 302 -0.53 19.57 -1.27
C SER A 302 -0.52 19.53 -1.27
N ILE A 303 -1.19 19.07 -0.22
CA ILE A 303 -0.74 19.32 1.18
C ILE A 303 0.69 18.88 1.39
N LEU A 304 1.01 17.65 0.98
CA LEU A 304 2.36 17.15 1.14
C LEU A 304 3.39 17.85 0.27
N ASP A 305 3.01 18.18 -0.95
CA ASP A 305 3.92 19.01 -1.79
C ASP A 305 4.27 20.36 -1.17
N LYS A 306 3.31 20.98 -0.52
CA LYS A 306 3.55 22.21 0.23
C LYS A 306 4.50 22.03 1.39
N LEU A 307 4.38 20.93 2.11
CA LEU A 307 5.32 20.61 3.18
C LEU A 307 6.72 20.31 2.68
N ILE A 308 6.83 19.66 1.54
CA ILE A 308 8.12 19.40 0.89
C ILE A 308 8.77 20.72 0.42
N ARG A 309 7.93 21.62 -0.07
CA ARG A 309 8.36 22.93 -0.55
C ARG A 309 8.81 23.86 0.57
N ASN A 310 8.20 23.74 1.74
CA ASN A 310 8.51 24.56 2.93
C ASN A 310 8.77 23.65 4.15
N PRO A 311 9.94 22.99 4.18
CA PRO A 311 10.26 22.02 5.24
C PRO A 311 10.33 22.58 6.66
N GLY A 312 10.55 23.89 6.78
CA GLY A 312 10.40 24.55 8.07
C GLY A 312 9.03 24.40 8.70
N SER A 313 7.99 24.35 7.86
CA SER A 313 6.62 24.01 8.31
C SER A 313 6.64 22.81 9.25
N LEU A 314 7.42 21.79 8.89
CA LEU A 314 7.47 20.54 9.63
C LEU A 314 8.09 20.64 11.03
N LYS A 315 8.68 21.79 11.36
CA LYS A 315 9.40 21.93 12.64
C LYS A 315 8.46 22.20 13.80
N ILE A 316 7.24 22.60 13.48
CA ILE A 316 6.17 22.75 14.46
C ILE A 316 5.69 21.34 14.83
N ILE A 317 5.95 20.93 16.06
CA ILE A 317 5.71 19.54 16.48
C ILE A 317 4.53 19.44 17.43
N THR A 318 3.82 18.30 17.41
CA THR A 318 2.75 18.04 18.40
C THR A 318 3.39 17.65 19.77
N SER A 319 2.75 18.05 20.86
CA SER A 319 3.29 17.92 22.24
C SER A 319 3.54 16.53 22.81
N ALA A 320 4.64 16.40 23.54
CA ALA A 320 4.94 15.24 24.39
C ALA A 320 4.93 13.93 23.62
N PRO A 324 2.08 4.55 27.76
CA PRO A 324 0.79 5.10 27.38
C PRO A 324 0.53 4.98 25.89
N SER A 325 0.39 3.74 25.42
CA SER A 325 -0.32 3.45 24.17
C SER A 325 -1.86 3.62 24.43
N ASN A 326 -2.34 4.87 24.40
CA ASN A 326 -3.80 5.14 24.50
C ASN A 326 -4.31 6.16 23.47
N LEU A 327 -5.61 6.08 23.24
CA LEU A 327 -6.29 6.83 22.19
C LEU A 327 -6.68 8.20 22.73
N LEU A 328 -6.78 9.19 21.85
CA LEU A 328 -7.23 10.52 22.23
C LEU A 328 -8.63 10.78 21.72
N LEU A 329 -9.50 11.34 22.55
CA LEU A 329 -10.87 11.61 22.11
C LEU A 329 -10.85 12.79 21.15
N ASP A 330 -11.31 12.54 19.92
CA ASP A 330 -11.17 13.40 18.71
C ASP A 330 -9.71 13.78 18.41
N GLN A 331 -9.40 15.07 18.51
CA GLN A 331 -8.09 15.54 18.95
C GLN A 331 -6.92 14.69 18.47
C1 GOL B . 1.76 -1.20 -18.39
O1 GOL B . 2.36 -2.24 -19.15
C2 GOL B . 1.13 -1.70 -17.07
O2 GOL B . 0.83 -3.07 -17.12
C3 GOL B . 2.06 -1.44 -15.89
O3 GOL B . 1.68 -2.21 -14.76
#